data_6XEW
#
_entry.id   6XEW
#
_cell.length_a   108.171
_cell.length_b   108.171
_cell.length_c   82.881
_cell.angle_alpha   90.000
_cell.angle_beta   90.000
_cell.angle_gamma   90.000
#
_symmetry.space_group_name_H-M   'P 43 21 2'
#
loop_
_entity.id
_entity.type
_entity.pdbx_description
1 polymer '2,3-butanediol dehydrogenase'
2 non-polymer NICOTINAMIDE-ADENINE-DINUCLEOTIDE
3 non-polymer R,3-HYDROXYBUTAN-2-ONE
4 non-polymer S,3-HYDROXYBUTAN-2-ONE
5 non-polymer "ADENOSINE-5'-DIPHOSPHATE"
6 water water
#
_entity_poly.entity_id   1
_entity_poly.type   'polypeptide(L)'
_entity_poly.pdbx_seq_one_letter_code
;MHHHHHHENLYFQGRFDNKVVVITGAGNGMGEAAARRFSAEGAIVVLADWAKEAVDKVAASLPKGRAMAVHIDVSDHVAV
EKMMNEVAEKLGRIDVLLNNAGVHVAGSVLETSIDDWRRIAGVDIDGVVFCSKFALPHLLKTKGCIVNTASVSGLGGDWG
AAYYCAAKGAVVNLTRAMALDHGGDGVRINSVCPSLVKTNMTNGWPQEIRDKFNERIALGRAAEPEEVAAVMAFLASDDA
SFINGANIPVDGGATASDGQPKIV
;
_entity_poly.pdbx_strand_id   A,B
#
loop_
_chem_comp.id
_chem_comp.type
_chem_comp.name
_chem_comp.formula
ADP non-polymer ADENOSINE-5'-DIPHOSPHATE 'C10 H15 N5 O10 P2'
HBR non-polymer R,3-HYDROXYBUTAN-2-ONE 'C4 H8 O2'
HBS non-polymer S,3-HYDROXYBUTAN-2-ONE 'C4 H8 O2'
NAD non-polymer NICOTINAMIDE-ADENINE-DINUCLEOTIDE 'C21 H27 N7 O14 P2'
#
# COMPACT_ATOMS: atom_id res chain seq x y z
N GLY A 14 -20.28 3.15 8.92
CA GLY A 14 -19.85 2.76 7.56
C GLY A 14 -18.79 3.73 7.02
N ARG A 15 -17.56 3.26 6.79
CA ARG A 15 -16.46 4.09 6.25
C ARG A 15 -16.89 4.93 5.02
N PHE A 16 -17.86 4.48 4.21
CA PHE A 16 -18.21 5.13 2.93
C PHE A 16 -19.66 5.61 2.93
N ASP A 17 -20.21 5.83 4.13
CA ASP A 17 -21.62 6.24 4.34
C ASP A 17 -21.94 7.43 3.42
N ASN A 18 -22.81 7.22 2.43
CA ASN A 18 -23.38 8.28 1.55
C ASN A 18 -22.33 8.83 0.58
N LYS A 19 -21.17 8.19 0.48
CA LYS A 19 -20.15 8.53 -0.54
C LYS A 19 -20.61 7.91 -1.87
N VAL A 20 -20.60 8.68 -2.95
CA VAL A 20 -20.88 8.19 -4.32
C VAL A 20 -19.59 7.60 -4.91
N VAL A 21 -19.60 6.32 -5.20
CA VAL A 21 -18.42 5.58 -5.70
C VAL A 21 -18.73 5.12 -7.13
N VAL A 22 -17.99 5.64 -8.11
CA VAL A 22 -18.14 5.22 -9.53
C VAL A 22 -17.12 4.12 -9.81
N ILE A 23 -17.61 2.96 -10.25
CA ILE A 23 -16.80 1.71 -10.40
C ILE A 23 -16.98 1.26 -11.84
N THR A 24 -15.93 1.37 -12.66
CA THR A 24 -15.95 0.83 -14.04
C THR A 24 -15.62 -0.65 -13.95
N GLY A 25 -16.19 -1.43 -14.85
CA GLY A 25 -15.99 -2.89 -14.90
C GLY A 25 -16.60 -3.54 -13.66
N ALA A 26 -17.74 -3.01 -13.21
CA ALA A 26 -18.39 -3.40 -11.92
C ALA A 26 -19.29 -4.63 -12.10
N GLY A 27 -19.48 -5.14 -13.33
CA GLY A 27 -20.39 -6.26 -13.60
C GLY A 27 -19.79 -7.62 -13.28
N ASN A 28 -18.49 -7.69 -12.98
CA ASN A 28 -17.74 -8.96 -12.83
C ASN A 28 -16.48 -8.74 -11.99
N GLY A 29 -15.89 -9.84 -11.50
CA GLY A 29 -14.55 -9.91 -10.90
C GLY A 29 -14.30 -8.87 -9.83
N MET A 30 -13.18 -8.17 -9.93
CA MET A 30 -12.73 -7.24 -8.84
C MET A 30 -13.64 -6.03 -8.81
N GLY A 31 -14.12 -5.55 -9.95
CA GLY A 31 -15.10 -4.43 -9.95
C GLY A 31 -16.36 -4.83 -9.16
N GLU A 32 -16.89 -6.03 -9.41
CA GLU A 32 -18.08 -6.54 -8.68
C GLU A 32 -17.78 -6.60 -7.19
N ALA A 33 -16.66 -7.23 -6.81
CA ALA A 33 -16.22 -7.39 -5.40
C ALA A 33 -16.08 -6.00 -4.77
N ALA A 34 -15.57 -5.02 -5.51
CA ALA A 34 -15.42 -3.64 -5.02
C ALA A 34 -16.84 -3.07 -4.78
N ALA A 35 -17.77 -3.32 -5.68
CA ALA A 35 -19.16 -2.81 -5.58
C ALA A 35 -19.80 -3.31 -4.29
N ARG A 36 -19.65 -4.60 -4.01
CA ARG A 36 -20.24 -5.25 -2.81
C ARG A 36 -19.58 -4.69 -1.53
N ARG A 37 -18.24 -4.55 -1.55
CA ARG A 37 -17.46 -4.09 -0.36
C ARG A 37 -17.82 -2.64 -0.02
N PHE A 38 -17.78 -1.74 -1.00
CA PHE A 38 -18.15 -0.31 -0.81
C PHE A 38 -19.62 -0.18 -0.42
N SER A 39 -20.51 -0.94 -1.05
CA SER A 39 -21.97 -0.95 -0.74
C SER A 39 -22.17 -1.37 0.72
N ALA A 40 -21.54 -2.46 1.14
CA ALA A 40 -21.59 -2.97 2.52
C ALA A 40 -21.15 -1.85 3.46
N GLU A 41 -20.22 -0.98 3.05
CA GLU A 41 -19.67 0.08 3.94
C GLU A 41 -20.44 1.38 3.76
N GLY A 42 -21.64 1.33 3.17
CA GLY A 42 -22.57 2.47 3.15
C GLY A 42 -22.51 3.29 1.87
N ALA A 43 -21.69 2.94 0.88
CA ALA A 43 -21.52 3.74 -0.34
C ALA A 43 -22.81 3.71 -1.16
N ILE A 44 -23.11 4.80 -1.86
CA ILE A 44 -23.98 4.77 -3.08
C ILE A 44 -23.07 4.45 -4.25
N VAL A 45 -23.34 3.38 -5.00
CA VAL A 45 -22.41 2.87 -6.04
C VAL A 45 -23.02 3.08 -7.42
N VAL A 46 -22.26 3.69 -8.32
CA VAL A 46 -22.56 3.69 -9.76
C VAL A 46 -21.76 2.55 -10.35
N LEU A 47 -22.44 1.56 -10.93
CA LEU A 47 -21.83 0.37 -11.54
C LEU A 47 -21.79 0.58 -13.06
N ALA A 48 -20.62 0.91 -13.62
CA ALA A 48 -20.45 1.12 -15.09
C ALA A 48 -19.85 -0.14 -15.69
N ASP A 49 -20.47 -0.63 -16.77
CA ASP A 49 -19.98 -1.81 -17.51
C ASP A 49 -20.64 -1.85 -18.90
N TRP A 50 -19.97 -2.50 -19.85
CA TRP A 50 -20.53 -2.76 -21.20
C TRP A 50 -21.17 -4.15 -21.26
N ALA A 51 -21.05 -4.97 -20.21
CA ALA A 51 -21.78 -6.25 -20.06
C ALA A 51 -23.06 -5.94 -19.31
N LYS A 52 -24.15 -5.68 -20.05
CA LYS A 52 -25.38 -5.02 -19.52
C LYS A 52 -26.08 -5.97 -18.53
N GLU A 53 -26.22 -7.25 -18.87
CA GLU A 53 -26.88 -8.26 -18.00
C GLU A 53 -26.10 -8.42 -16.69
N ALA A 54 -24.79 -8.69 -16.78
CA ALA A 54 -23.92 -8.86 -15.61
C ALA A 54 -24.07 -7.66 -14.65
N VAL A 55 -23.92 -6.44 -15.17
CA VAL A 55 -23.88 -5.24 -14.27
C VAL A 55 -25.28 -4.97 -13.69
N ASP A 56 -26.33 -5.21 -14.49
CA ASP A 56 -27.74 -5.12 -14.03
C ASP A 56 -27.97 -6.07 -12.85
N LYS A 57 -27.41 -7.28 -12.93
CA LYS A 57 -27.60 -8.33 -11.87
C LYS A 57 -26.90 -7.89 -10.58
N VAL A 58 -25.68 -7.39 -10.68
CA VAL A 58 -24.94 -6.89 -9.47
C VAL A 58 -25.72 -5.71 -8.87
N ALA A 59 -26.08 -4.74 -9.71
CA ALA A 59 -26.81 -3.53 -9.28
C ALA A 59 -28.08 -3.93 -8.52
N ALA A 60 -28.85 -4.85 -9.10
CA ALA A 60 -30.15 -5.29 -8.53
C ALA A 60 -29.92 -6.04 -7.21
N SER A 61 -28.74 -6.64 -6.98
CA SER A 61 -28.47 -7.46 -5.78
C SER A 61 -28.15 -6.58 -4.56
N LEU A 62 -27.99 -5.26 -4.77
CA LEU A 62 -27.49 -4.35 -3.72
C LEU A 62 -28.69 -3.59 -3.17
N PRO A 63 -28.57 -2.88 -2.03
CA PRO A 63 -29.71 -2.19 -1.44
C PRO A 63 -30.40 -1.20 -2.39
N LYS A 64 -31.74 -1.28 -2.45
CA LYS A 64 -32.59 -0.44 -3.35
C LYS A 64 -32.33 1.04 -3.07
N GLY A 65 -32.20 1.85 -4.12
CA GLY A 65 -31.86 3.26 -4.01
C GLY A 65 -30.41 3.50 -3.63
N ARG A 66 -29.55 2.48 -3.56
CA ARG A 66 -28.13 2.70 -3.19
C ARG A 66 -27.16 2.22 -4.28
N ALA A 67 -27.67 1.90 -5.46
CA ALA A 67 -26.92 1.35 -6.61
C ALA A 67 -27.62 1.74 -7.90
N MET A 68 -26.88 2.24 -8.90
CA MET A 68 -27.41 2.39 -10.29
C MET A 68 -26.39 1.85 -11.29
N ALA A 69 -26.88 1.07 -12.24
CA ALA A 69 -26.16 0.48 -13.38
C ALA A 69 -26.09 1.51 -14.50
N VAL A 70 -24.96 1.61 -15.16
CA VAL A 70 -24.76 2.49 -16.36
C VAL A 70 -24.17 1.59 -17.43
N HIS A 71 -24.87 1.39 -18.54
CA HIS A 71 -24.36 0.60 -19.68
C HIS A 71 -23.45 1.55 -20.46
N ILE A 72 -22.14 1.36 -20.37
CA ILE A 72 -21.14 2.26 -21.00
C ILE A 72 -19.92 1.43 -21.42
N ASP A 73 -19.42 1.75 -22.61
CA ASP A 73 -18.06 1.42 -23.08
C ASP A 73 -17.15 2.59 -22.64
N VAL A 74 -16.27 2.38 -21.65
CA VAL A 74 -15.40 3.46 -21.09
C VAL A 74 -14.37 3.96 -22.11
N SER A 75 -14.17 3.29 -23.25
CA SER A 75 -13.27 3.75 -24.35
C SER A 75 -13.89 4.93 -25.13
N ASP A 76 -15.14 5.27 -24.84
CA ASP A 76 -15.97 6.30 -25.51
C ASP A 76 -16.00 7.59 -24.69
N HIS A 77 -15.22 8.60 -25.07
CA HIS A 77 -15.05 9.82 -24.24
C HIS A 77 -16.39 10.57 -24.19
N VAL A 78 -17.22 10.49 -25.25
CA VAL A 78 -18.52 11.22 -25.28
C VAL A 78 -19.42 10.62 -24.17
N ALA A 79 -19.58 9.30 -24.20
CA ALA A 79 -20.39 8.54 -23.20
C ALA A 79 -19.85 8.81 -21.77
N VAL A 80 -18.52 8.77 -21.59
CA VAL A 80 -17.88 8.96 -20.25
C VAL A 80 -18.20 10.37 -19.73
N GLU A 81 -17.96 11.39 -20.52
CA GLU A 81 -18.25 12.79 -20.12
C GLU A 81 -19.72 12.89 -19.64
N LYS A 82 -20.64 12.32 -20.41
CA LYS A 82 -22.11 12.32 -20.11
C LYS A 82 -22.39 11.60 -18.79
N MET A 83 -21.88 10.37 -18.62
CA MET A 83 -22.07 9.61 -17.37
C MET A 83 -21.59 10.44 -16.18
N MET A 84 -20.38 11.03 -16.25
CA MET A 84 -19.81 11.72 -15.06
C MET A 84 -20.70 12.91 -14.73
N ASN A 85 -21.15 13.67 -15.73
CA ASN A 85 -22.04 14.83 -15.47
C ASN A 85 -23.43 14.34 -15.02
N GLU A 86 -23.96 13.25 -15.58
CA GLU A 86 -25.31 12.75 -15.20
C GLU A 86 -25.30 12.30 -13.74
N VAL A 87 -24.29 11.51 -13.37
CA VAL A 87 -24.11 11.03 -11.97
C VAL A 87 -24.08 12.24 -11.02
N ALA A 88 -23.32 13.26 -11.35
CA ALA A 88 -23.12 14.45 -10.49
C ALA A 88 -24.48 15.15 -10.31
N GLU A 89 -25.25 15.25 -11.38
CA GLU A 89 -26.57 15.94 -11.40
C GLU A 89 -27.54 15.18 -10.50
N LYS A 90 -27.73 13.88 -10.79
CA LYS A 90 -28.69 12.98 -10.10
C LYS A 90 -28.28 12.75 -8.64
N LEU A 91 -27.00 12.46 -8.38
CA LEU A 91 -26.57 12.05 -7.02
C LEU A 91 -25.93 13.22 -6.28
N GLY A 92 -25.67 14.33 -6.99
CA GLY A 92 -25.20 15.59 -6.37
C GLY A 92 -23.72 15.58 -6.03
N ARG A 93 -22.98 14.50 -6.31
CA ARG A 93 -21.55 14.41 -5.91
C ARG A 93 -20.89 13.19 -6.54
N ILE A 94 -19.54 13.21 -6.58
CA ILE A 94 -18.67 12.03 -6.81
C ILE A 94 -17.52 12.11 -5.82
N ASP A 95 -17.33 11.04 -5.03
CA ASP A 95 -16.34 10.94 -3.94
C ASP A 95 -15.18 10.03 -4.34
N VAL A 96 -15.46 8.99 -5.13
CA VAL A 96 -14.49 7.92 -5.45
C VAL A 96 -14.69 7.47 -6.89
N LEU A 97 -13.61 7.41 -7.65
CA LEU A 97 -13.56 6.73 -8.97
C LEU A 97 -12.66 5.50 -8.87
N LEU A 98 -13.21 4.33 -9.21
CA LEU A 98 -12.43 3.08 -9.42
C LEU A 98 -12.37 2.84 -10.92
N ASN A 99 -11.22 3.17 -11.51
CA ASN A 99 -10.90 2.88 -12.92
C ASN A 99 -10.48 1.42 -13.03
N ASN A 100 -11.46 0.53 -13.04
CA ASN A 100 -11.23 -0.93 -12.93
C ASN A 100 -11.47 -1.66 -14.27
N ALA A 101 -12.25 -1.11 -15.21
CA ALA A 101 -12.59 -1.78 -16.48
C ALA A 101 -11.29 -2.10 -17.19
N GLY A 102 -11.21 -3.31 -17.73
CA GLY A 102 -10.02 -3.75 -18.48
C GLY A 102 -10.31 -4.95 -19.33
N VAL A 103 -9.52 -5.11 -20.39
CA VAL A 103 -9.49 -6.30 -21.28
C VAL A 103 -8.02 -6.73 -21.38
N HIS A 104 -7.80 -8.02 -21.55
CA HIS A 104 -6.47 -8.63 -21.69
C HIS A 104 -6.41 -9.23 -23.08
N VAL A 105 -5.23 -9.21 -23.69
N VAL A 105 -5.22 -9.22 -23.66
CA VAL A 105 -4.94 -10.05 -24.88
CA VAL A 105 -4.86 -9.94 -24.92
C VAL A 105 -3.56 -10.62 -24.66
C VAL A 105 -3.53 -10.62 -24.66
N ALA A 106 -3.36 -11.87 -25.06
CA ALA A 106 -2.11 -12.62 -24.86
C ALA A 106 -1.33 -12.60 -26.17
N GLY A 107 -0.03 -12.34 -26.08
CA GLY A 107 0.90 -12.52 -27.21
C GLY A 107 1.93 -11.40 -27.25
N SER A 108 3.03 -11.65 -27.95
CA SER A 108 4.00 -10.62 -28.39
C SER A 108 3.32 -9.70 -29.41
N VAL A 109 3.99 -8.60 -29.73
CA VAL A 109 3.49 -7.68 -30.80
C VAL A 109 3.47 -8.44 -32.12
N LEU A 110 4.22 -9.53 -32.25
CA LEU A 110 4.32 -10.27 -33.55
C LEU A 110 3.14 -11.23 -33.71
N GLU A 111 2.40 -11.48 -32.62
N GLU A 111 2.38 -11.45 -32.63
CA GLU A 111 1.27 -12.45 -32.60
CA GLU A 111 1.27 -12.43 -32.60
C GLU A 111 -0.06 -11.74 -32.31
C GLU A 111 -0.06 -11.73 -32.33
N THR A 112 -0.07 -10.41 -32.25
CA THR A 112 -1.28 -9.62 -31.90
C THR A 112 -1.39 -8.50 -32.91
N SER A 113 -2.62 -8.22 -33.35
CA SER A 113 -2.91 -7.34 -34.50
C SER A 113 -3.02 -5.90 -34.04
N ILE A 114 -3.01 -4.99 -35.01
CA ILE A 114 -3.28 -3.55 -34.77
C ILE A 114 -4.66 -3.42 -34.10
N ASP A 115 -5.63 -4.23 -34.49
CA ASP A 115 -7.00 -4.19 -33.88
C ASP A 115 -6.93 -4.63 -32.41
N ASP A 116 -6.14 -5.66 -32.09
CA ASP A 116 -5.87 -6.09 -30.68
C ASP A 116 -5.34 -4.88 -29.90
N TRP A 117 -4.36 -4.18 -30.46
CA TRP A 117 -3.74 -2.99 -29.82
C TRP A 117 -4.82 -1.93 -29.57
N ARG A 118 -5.63 -1.59 -30.59
CA ARG A 118 -6.67 -0.54 -30.46
C ARG A 118 -7.64 -0.92 -29.34
N ARG A 119 -7.97 -2.21 -29.22
N ARG A 119 -7.96 -2.21 -29.23
CA ARG A 119 -8.89 -2.72 -28.17
CA ARG A 119 -8.87 -2.75 -28.18
C ARG A 119 -8.20 -2.54 -26.81
C ARG A 119 -8.20 -2.55 -26.81
N ILE A 120 -6.94 -2.96 -26.67
CA ILE A 120 -6.19 -2.83 -25.38
C ILE A 120 -6.07 -1.35 -24.99
N ALA A 121 -5.50 -0.55 -25.87
CA ALA A 121 -5.26 0.89 -25.61
C ALA A 121 -6.60 1.60 -25.36
N GLY A 122 -7.65 1.36 -26.16
CA GLY A 122 -8.93 2.07 -25.95
C GLY A 122 -9.50 1.84 -24.55
N VAL A 123 -9.55 0.60 -24.10
CA VAL A 123 -10.15 0.30 -22.76
C VAL A 123 -9.14 0.64 -21.66
N ASP A 124 -7.94 0.07 -21.74
CA ASP A 124 -7.00 -0.04 -20.61
C ASP A 124 -6.23 1.30 -20.39
N ILE A 125 -6.06 2.14 -21.41
CA ILE A 125 -5.45 3.49 -21.25
C ILE A 125 -6.54 4.54 -21.43
N ASP A 126 -7.14 4.61 -22.63
CA ASP A 126 -8.11 5.70 -22.92
C ASP A 126 -9.15 5.74 -21.81
N GLY A 127 -9.71 4.59 -21.42
CA GLY A 127 -10.82 4.55 -20.44
C GLY A 127 -10.40 5.13 -19.12
N VAL A 128 -9.15 4.84 -18.72
CA VAL A 128 -8.63 5.41 -17.45
C VAL A 128 -8.50 6.94 -17.62
N VAL A 129 -7.93 7.35 -18.74
CA VAL A 129 -7.66 8.79 -19.01
C VAL A 129 -9.00 9.54 -19.02
N PHE A 130 -10.00 9.03 -19.76
CA PHE A 130 -11.29 9.77 -19.96
C PHE A 130 -12.04 9.83 -18.62
N CYS A 131 -12.14 8.69 -17.94
CA CYS A 131 -12.94 8.64 -16.68
C CYS A 131 -12.29 9.53 -15.63
N SER A 132 -10.96 9.56 -15.59
CA SER A 132 -10.22 10.40 -14.62
C SER A 132 -10.50 11.87 -14.92
N LYS A 133 -10.32 12.23 -16.19
CA LYS A 133 -10.45 13.63 -16.65
C LYS A 133 -11.86 14.15 -16.31
N PHE A 134 -12.91 13.38 -16.60
CA PHE A 134 -14.30 13.87 -16.48
C PHE A 134 -14.84 13.72 -15.07
N ALA A 135 -14.24 12.87 -14.21
CA ALA A 135 -14.62 12.78 -12.78
C ALA A 135 -13.95 13.89 -11.98
N LEU A 136 -12.79 14.35 -12.40
CA LEU A 136 -11.88 15.14 -11.52
C LEU A 136 -12.53 16.44 -11.05
N PRO A 137 -13.24 17.21 -11.92
CA PRO A 137 -13.92 18.42 -11.45
C PRO A 137 -14.86 18.12 -10.28
N HIS A 138 -15.53 16.96 -10.32
CA HIS A 138 -16.47 16.53 -9.26
C HIS A 138 -15.69 16.08 -8.01
N LEU A 139 -14.59 15.34 -8.20
CA LEU A 139 -13.76 14.87 -7.04
C LEU A 139 -13.13 16.09 -6.37
N LEU A 140 -12.79 17.13 -7.12
CA LEU A 140 -12.19 18.33 -6.49
C LEU A 140 -13.18 18.97 -5.51
N LYS A 141 -14.49 18.90 -5.77
CA LYS A 141 -15.51 19.48 -4.88
C LYS A 141 -15.66 18.66 -3.59
N THR A 142 -15.49 17.34 -3.65
CA THR A 142 -15.63 16.44 -2.49
C THR A 142 -14.26 16.16 -1.85
N LYS A 143 -13.17 16.65 -2.44
CA LYS A 143 -11.82 16.16 -2.04
C LYS A 143 -11.82 14.63 -2.00
N GLY A 144 -12.39 14.02 -3.04
CA GLY A 144 -12.45 12.57 -3.25
C GLY A 144 -11.12 12.00 -3.73
N CYS A 145 -11.14 10.81 -4.32
CA CYS A 145 -9.90 10.14 -4.76
C CYS A 145 -10.18 9.23 -5.95
N ILE A 146 -9.09 8.82 -6.60
CA ILE A 146 -9.11 7.85 -7.70
C ILE A 146 -8.33 6.63 -7.20
N VAL A 147 -8.83 5.45 -7.51
CA VAL A 147 -8.04 4.20 -7.43
C VAL A 147 -8.09 3.57 -8.83
N ASN A 148 -6.95 3.56 -9.51
CA ASN A 148 -6.80 2.84 -10.79
C ASN A 148 -6.55 1.37 -10.46
N THR A 149 -7.19 0.44 -11.20
CA THR A 149 -6.72 -0.97 -11.25
C THR A 149 -5.70 -1.09 -12.35
N ALA A 150 -4.42 -1.09 -11.98
CA ALA A 150 -3.34 -1.32 -12.97
C ALA A 150 -3.12 -2.82 -12.93
N SER A 151 -1.89 -3.27 -12.67
CA SER A 151 -1.44 -4.68 -12.73
C SER A 151 0.03 -4.70 -12.35
N VAL A 152 0.53 -5.82 -11.84
CA VAL A 152 2.00 -5.98 -11.83
C VAL A 152 2.47 -5.84 -13.28
N SER A 153 1.65 -6.26 -14.24
CA SER A 153 1.90 -6.12 -15.69
C SER A 153 2.09 -4.64 -16.09
N GLY A 154 1.88 -3.67 -15.19
CA GLY A 154 2.23 -2.26 -15.44
C GLY A 154 3.51 -1.83 -14.71
N LEU A 155 3.97 -2.59 -13.73
CA LEU A 155 5.20 -2.29 -12.95
C LEU A 155 6.38 -3.01 -13.59
N GLY A 156 6.13 -4.07 -14.31
CA GLY A 156 7.17 -4.70 -15.13
C GLY A 156 6.55 -5.43 -16.30
N GLY A 157 7.40 -6.06 -17.10
CA GLY A 157 7.06 -6.83 -18.29
C GLY A 157 6.59 -8.26 -17.99
N ASP A 158 5.80 -8.78 -18.93
CA ASP A 158 5.43 -10.19 -19.11
C ASP A 158 6.04 -10.68 -20.41
N TRP A 159 6.26 -11.98 -20.49
CA TRP A 159 6.40 -12.75 -21.75
C TRP A 159 5.02 -12.97 -22.33
N GLY A 160 4.74 -12.41 -23.51
CA GLY A 160 3.45 -12.64 -24.23
C GLY A 160 2.26 -11.84 -23.71
N ALA A 161 2.43 -10.58 -23.31
CA ALA A 161 1.30 -9.62 -23.19
C ALA A 161 1.78 -8.21 -23.48
N ALA A 162 2.40 -7.99 -24.65
CA ALA A 162 3.14 -6.74 -24.96
C ALA A 162 2.20 -5.52 -24.88
N TYR A 163 1.08 -5.54 -25.59
CA TYR A 163 0.13 -4.40 -25.68
C TYR A 163 -0.43 -4.15 -24.29
N TYR A 164 -0.78 -5.22 -23.56
CA TYR A 164 -1.39 -5.09 -22.21
C TYR A 164 -0.37 -4.42 -21.27
N CYS A 165 0.89 -4.82 -21.39
CA CYS A 165 1.99 -4.28 -20.55
C CYS A 165 2.23 -2.79 -20.83
N ALA A 166 2.21 -2.38 -22.10
CA ALA A 166 2.28 -0.95 -22.49
C ALA A 166 1.12 -0.19 -21.84
N ALA A 167 -0.10 -0.67 -22.00
CA ALA A 167 -1.31 -0.05 -21.45
C ALA A 167 -1.19 0.10 -19.93
N LYS A 168 -0.85 -0.98 -19.22
CA LYS A 168 -0.83 -0.91 -17.74
C LYS A 168 0.37 -0.06 -17.29
N GLY A 169 1.44 -0.08 -18.06
CA GLY A 169 2.57 0.84 -17.96
C GLY A 169 2.11 2.29 -17.95
N ALA A 170 1.23 2.64 -18.87
CA ALA A 170 0.69 4.01 -18.94
C ALA A 170 -0.13 4.28 -17.68
N VAL A 171 -0.94 3.30 -17.27
CA VAL A 171 -1.83 3.53 -16.09
C VAL A 171 -0.95 3.85 -14.87
N VAL A 172 0.13 3.10 -14.68
CA VAL A 172 1.01 3.22 -13.49
C VAL A 172 1.61 4.62 -13.45
N ASN A 173 2.15 5.11 -14.57
CA ASN A 173 2.83 6.43 -14.57
C ASN A 173 1.80 7.56 -14.66
N LEU A 174 0.64 7.36 -15.29
CA LEU A 174 -0.47 8.36 -15.20
C LEU A 174 -0.91 8.54 -13.73
N THR A 175 -0.92 7.46 -12.96
CA THR A 175 -1.28 7.51 -11.52
C THR A 175 -0.32 8.46 -10.81
N ARG A 176 0.97 8.35 -11.09
CA ARG A 176 2.01 9.17 -10.42
C ARG A 176 1.80 10.65 -10.81
N ALA A 177 1.64 10.92 -12.09
CA ALA A 177 1.62 12.30 -12.63
C ALA A 177 0.37 13.01 -12.11
N MET A 178 -0.78 12.35 -12.15
CA MET A 178 -2.05 12.99 -11.73
C MET A 178 -2.02 13.23 -10.22
N ALA A 179 -1.38 12.33 -9.48
CA ALA A 179 -1.15 12.48 -8.04
C ALA A 179 -0.40 13.79 -7.77
N LEU A 180 0.62 14.09 -8.57
CA LEU A 180 1.42 15.33 -8.39
C LEU A 180 0.53 16.53 -8.76
N ASP A 181 -0.32 16.38 -9.77
CA ASP A 181 -1.14 17.50 -10.30
C ASP A 181 -2.24 17.90 -9.29
N HIS A 182 -2.87 16.94 -8.59
CA HIS A 182 -4.17 17.14 -7.89
C HIS A 182 -4.12 16.90 -6.40
N GLY A 183 -3.08 16.24 -5.89
CA GLY A 183 -2.92 15.94 -4.45
C GLY A 183 -2.95 17.21 -3.61
N GLY A 184 -2.33 18.27 -4.10
CA GLY A 184 -2.31 19.58 -3.43
C GLY A 184 -3.70 20.21 -3.37
N ASP A 185 -4.63 19.78 -4.23
CA ASP A 185 -6.02 20.29 -4.26
C ASP A 185 -6.93 19.33 -3.50
N GLY A 186 -6.35 18.36 -2.77
CA GLY A 186 -7.10 17.46 -1.87
C GLY A 186 -7.62 16.22 -2.57
N VAL A 187 -7.15 15.90 -3.77
CA VAL A 187 -7.57 14.66 -4.50
C VAL A 187 -6.38 13.70 -4.63
N ARG A 188 -6.42 12.60 -3.88
CA ARG A 188 -5.38 11.55 -3.89
C ARG A 188 -5.63 10.62 -5.08
N ILE A 189 -4.55 10.25 -5.78
CA ILE A 189 -4.62 9.30 -6.92
C ILE A 189 -3.59 8.19 -6.72
N ASN A 190 -4.08 6.96 -6.70
CA ASN A 190 -3.31 5.74 -6.37
C ASN A 190 -3.81 4.62 -7.27
N SER A 191 -3.04 3.53 -7.35
CA SER A 191 -3.49 2.33 -8.07
C SER A 191 -3.31 1.12 -7.16
N VAL A 192 -4.01 0.06 -7.50
CA VAL A 192 -3.68 -1.31 -7.05
C VAL A 192 -3.08 -2.05 -8.24
N CYS A 193 -2.08 -2.88 -7.98
CA CYS A 193 -1.35 -3.62 -9.02
C CYS A 193 -1.44 -5.11 -8.66
N PRO A 194 -2.55 -5.81 -8.98
CA PRO A 194 -2.65 -7.24 -8.69
C PRO A 194 -1.76 -8.03 -9.64
N SER A 195 -1.40 -9.23 -9.19
CA SER A 195 -0.90 -10.32 -10.05
C SER A 195 -2.08 -11.26 -10.38
N LEU A 196 -1.91 -12.57 -10.41
CA LEU A 196 -3.05 -13.46 -10.77
C LEU A 196 -4.19 -13.31 -9.76
N VAL A 197 -5.38 -12.97 -10.23
CA VAL A 197 -6.63 -12.92 -9.43
C VAL A 197 -7.63 -13.88 -10.14
N LYS A 198 -8.47 -14.56 -9.34
CA LYS A 198 -9.48 -15.53 -9.84
C LYS A 198 -10.69 -14.81 -10.40
N THR A 199 -10.67 -14.54 -11.70
CA THR A 199 -11.73 -13.82 -12.43
C THR A 199 -11.83 -14.40 -13.86
N ASN A 200 -12.85 -13.95 -14.59
CA ASN A 200 -13.13 -14.31 -16.00
C ASN A 200 -11.93 -13.97 -16.87
N MET A 201 -11.15 -12.94 -16.50
CA MET A 201 -10.02 -12.49 -17.33
C MET A 201 -8.98 -13.61 -17.44
N THR A 202 -8.82 -14.44 -16.39
CA THR A 202 -7.73 -15.46 -16.32
C THR A 202 -8.30 -16.87 -16.22
N ASN A 203 -9.62 -17.05 -16.27
CA ASN A 203 -10.26 -18.36 -16.00
C ASN A 203 -9.85 -19.38 -17.09
N GLY A 204 -9.54 -18.91 -18.30
CA GLY A 204 -9.10 -19.76 -19.41
C GLY A 204 -7.64 -20.20 -19.34
N TRP A 205 -6.83 -19.64 -18.45
CA TRP A 205 -5.36 -19.85 -18.44
C TRP A 205 -5.05 -21.26 -17.97
N PRO A 206 -4.23 -22.00 -18.73
CA PRO A 206 -3.94 -23.40 -18.45
C PRO A 206 -3.32 -23.68 -17.09
N GLN A 207 -3.47 -24.92 -16.63
CA GLN A 207 -3.03 -25.36 -15.28
C GLN A 207 -1.51 -25.21 -15.12
N GLU A 208 -0.71 -25.49 -16.16
CA GLU A 208 0.78 -25.46 -16.04
C GLU A 208 1.21 -24.01 -15.76
N ILE A 209 0.57 -23.03 -16.38
CA ILE A 209 0.83 -21.58 -16.12
C ILE A 209 0.40 -21.20 -14.70
N ARG A 210 -0.78 -21.63 -14.26
CA ARG A 210 -1.31 -21.35 -12.89
C ARG A 210 -0.36 -21.94 -11.85
N ASP A 211 0.10 -23.18 -12.06
CA ASP A 211 1.09 -23.85 -11.19
C ASP A 211 2.36 -23.00 -11.09
N LYS A 212 2.86 -22.47 -12.21
CA LYS A 212 4.06 -21.59 -12.19
C LYS A 212 3.76 -20.32 -11.37
N PHE A 213 2.53 -19.80 -11.40
CA PHE A 213 2.11 -18.63 -10.59
C PHE A 213 2.23 -18.93 -9.09
N ASN A 214 1.88 -20.14 -8.68
CA ASN A 214 1.99 -20.58 -7.26
C ASN A 214 3.45 -20.62 -6.86
N GLU A 215 4.39 -20.75 -7.80
N GLU A 215 4.38 -20.77 -7.81
CA GLU A 215 5.83 -20.70 -7.48
CA GLU A 215 5.85 -20.73 -7.55
C GLU A 215 6.33 -19.24 -7.46
C GLU A 215 6.32 -19.27 -7.48
N ARG A 216 5.90 -18.43 -8.43
CA ARG A 216 6.40 -17.03 -8.57
C ARG A 216 5.76 -16.09 -7.52
N ILE A 217 4.59 -16.45 -7.01
CA ILE A 217 3.87 -15.71 -5.91
C ILE A 217 4.20 -16.42 -4.60
N ALA A 218 4.90 -15.75 -3.70
CA ALA A 218 5.42 -16.37 -2.48
C ALA A 218 4.27 -16.85 -1.58
N LEU A 219 3.09 -16.21 -1.62
CA LEU A 219 1.90 -16.68 -0.85
C LEU A 219 1.40 -18.01 -1.44
N GLY A 220 1.77 -18.37 -2.66
CA GLY A 220 1.55 -19.76 -3.15
C GLY A 220 0.16 -20.01 -3.65
N ARG A 221 -0.59 -18.96 -4.00
CA ARG A 221 -1.98 -19.06 -4.45
C ARG A 221 -2.35 -17.82 -5.27
N ALA A 222 -3.41 -17.93 -6.06
CA ALA A 222 -3.99 -16.77 -6.78
C ALA A 222 -4.77 -15.95 -5.75
N ALA A 223 -4.95 -14.64 -5.98
CA ALA A 223 -5.77 -13.79 -5.11
C ALA A 223 -7.26 -14.05 -5.37
N GLU A 224 -8.07 -13.92 -4.30
CA GLU A 224 -9.54 -13.75 -4.41
C GLU A 224 -9.78 -12.29 -4.81
N PRO A 225 -10.77 -12.04 -5.67
CA PRO A 225 -11.12 -10.67 -6.04
C PRO A 225 -11.36 -9.76 -4.83
N GLU A 226 -11.91 -10.32 -3.75
CA GLU A 226 -12.21 -9.59 -2.49
C GLU A 226 -10.92 -9.05 -1.86
N GLU A 227 -9.83 -9.78 -1.97
CA GLU A 227 -8.51 -9.37 -1.43
C GLU A 227 -8.00 -8.10 -2.15
N VAL A 228 -8.35 -7.88 -3.41
CA VAL A 228 -7.92 -6.66 -4.12
C VAL A 228 -8.92 -5.56 -3.77
N ALA A 229 -10.21 -5.89 -3.72
CA ALA A 229 -11.27 -4.91 -3.36
C ALA A 229 -11.01 -4.35 -1.96
N ALA A 230 -10.41 -5.14 -1.06
CA ALA A 230 -10.05 -4.70 0.31
C ALA A 230 -9.06 -3.54 0.26
N VAL A 231 -8.11 -3.61 -0.68
CA VAL A 231 -7.02 -2.60 -0.79
C VAL A 231 -7.59 -1.37 -1.47
N MET A 232 -8.47 -1.54 -2.46
CA MET A 232 -9.16 -0.40 -3.11
C MET A 232 -9.95 0.42 -2.06
N ALA A 233 -10.68 -0.27 -1.20
CA ALA A 233 -11.42 0.35 -0.07
C ALA A 233 -10.43 1.05 0.86
N PHE A 234 -9.34 0.39 1.27
CA PHE A 234 -8.32 1.04 2.11
C PHE A 234 -7.83 2.36 1.43
N LEU A 235 -7.48 2.30 0.14
CA LEU A 235 -6.87 3.46 -0.58
C LEU A 235 -7.88 4.58 -0.76
N ALA A 236 -9.17 4.31 -0.69
CA ALA A 236 -10.23 5.33 -0.79
C ALA A 236 -10.59 5.82 0.63
N SER A 237 -9.97 5.28 1.68
CA SER A 237 -10.36 5.52 3.10
C SER A 237 -9.49 6.64 3.71
N ASP A 238 -9.89 7.16 4.86
CA ASP A 238 -9.14 8.23 5.57
C ASP A 238 -7.79 7.70 6.04
N ASP A 239 -7.68 6.40 6.25
CA ASP A 239 -6.44 5.77 6.75
C ASP A 239 -5.36 5.86 5.67
N ALA A 240 -5.74 6.19 4.44
CA ALA A 240 -4.77 6.35 3.33
C ALA A 240 -4.56 7.83 3.06
N SER A 241 -4.85 8.69 4.04
CA SER A 241 -4.87 10.17 3.89
C SER A 241 -3.47 10.66 3.45
N PHE A 242 -2.38 9.96 3.74
CA PHE A 242 -1.04 10.43 3.29
C PHE A 242 -0.45 9.56 2.18
N ILE A 243 -1.24 8.65 1.59
CA ILE A 243 -0.80 7.82 0.42
C ILE A 243 -1.31 8.49 -0.85
N ASN A 244 -0.39 8.81 -1.75
CA ASN A 244 -0.70 9.59 -2.97
C ASN A 244 0.34 9.27 -4.05
N GLY A 245 -0.11 8.95 -5.25
CA GLY A 245 0.80 8.63 -6.35
C GLY A 245 1.45 7.28 -6.18
N ALA A 246 0.89 6.40 -5.33
CA ALA A 246 1.44 5.06 -5.04
C ALA A 246 0.76 4.04 -5.96
N ASN A 247 1.54 3.09 -6.46
CA ASN A 247 1.12 1.90 -7.22
C ASN A 247 1.30 0.72 -6.26
N ILE A 248 0.27 0.39 -5.49
CA ILE A 248 0.35 -0.63 -4.43
C ILE A 248 0.26 -2.01 -5.09
N PRO A 249 1.32 -2.83 -4.94
CA PRO A 249 1.33 -4.21 -5.41
C PRO A 249 0.44 -5.02 -4.47
N VAL A 250 -0.52 -5.73 -5.06
CA VAL A 250 -1.41 -6.70 -4.37
C VAL A 250 -1.17 -8.04 -5.04
N ASP A 251 0.02 -8.60 -4.81
CA ASP A 251 0.64 -9.62 -5.68
C ASP A 251 1.27 -10.74 -4.85
N GLY A 252 1.08 -10.79 -3.54
CA GLY A 252 1.60 -11.87 -2.69
C GLY A 252 3.10 -11.97 -2.72
N GLY A 253 3.79 -10.94 -3.25
CA GLY A 253 5.27 -10.85 -3.36
C GLY A 253 5.79 -10.86 -4.81
N ALA A 254 4.96 -10.99 -5.84
CA ALA A 254 5.47 -11.22 -7.22
C ALA A 254 6.55 -10.19 -7.56
N THR A 255 6.25 -8.88 -7.41
CA THR A 255 7.15 -7.75 -7.81
C THR A 255 8.25 -7.56 -6.78
N ALA A 256 8.15 -8.19 -5.60
CA ALA A 256 9.22 -8.10 -4.58
C ALA A 256 10.49 -8.85 -5.05
N SER A 257 10.30 -9.82 -5.94
CA SER A 257 11.38 -10.65 -6.49
C SER A 257 12.14 -9.84 -7.54
N ASP A 258 13.45 -10.08 -7.63
CA ASP A 258 14.35 -9.63 -8.75
C ASP A 258 14.19 -10.46 -10.03
N GLY A 259 13.23 -11.37 -10.10
CA GLY A 259 12.96 -12.21 -11.28
C GLY A 259 13.73 -13.55 -11.24
N GLN A 260 14.71 -13.67 -10.34
N GLN A 260 14.73 -13.66 -10.36
CA GLN A 260 15.55 -14.89 -10.28
CA GLN A 260 15.57 -14.88 -10.26
C GLN A 260 14.68 -15.99 -9.71
C GLN A 260 14.68 -15.99 -9.71
N PRO A 261 14.98 -17.27 -10.08
CA PRO A 261 14.28 -18.41 -9.50
C PRO A 261 14.77 -18.58 -8.06
N LYS A 262 14.12 -19.41 -7.27
CA LYS A 262 14.54 -19.68 -5.87
C LYS A 262 16.01 -20.09 -5.81
N ILE A 263 16.78 -19.51 -4.88
CA ILE A 263 18.26 -19.71 -4.79
C ILE A 263 18.53 -21.05 -4.10
N VAL A 264 17.70 -21.41 -3.12
CA VAL A 264 17.68 -22.76 -2.48
C VAL A 264 16.24 -23.27 -2.49
N GLY B 14 -12.52 -3.89 16.65
CA GLY B 14 -11.64 -4.95 17.30
C GLY B 14 -10.75 -5.71 16.32
N ARG B 15 -10.19 -5.04 15.31
CA ARG B 15 -9.34 -5.67 14.26
C ARG B 15 -8.18 -6.52 14.85
N PHE B 16 -7.66 -6.17 16.02
CA PHE B 16 -6.44 -6.82 16.61
C PHE B 16 -6.74 -7.37 18.01
N ASP B 17 -7.98 -7.76 18.26
CA ASP B 17 -8.46 -8.24 19.58
C ASP B 17 -7.53 -9.35 20.07
N ASN B 18 -6.81 -9.11 21.17
CA ASN B 18 -5.95 -10.10 21.89
C ASN B 18 -4.71 -10.50 21.08
N LYS B 19 -4.43 -9.81 19.97
CA LYS B 19 -3.16 -10.00 19.24
C LYS B 19 -2.02 -9.28 19.97
N VAL B 20 -0.87 -9.95 20.11
CA VAL B 20 0.35 -9.42 20.76
C VAL B 20 1.19 -8.68 19.70
N VAL B 21 1.32 -7.38 19.83
CA VAL B 21 2.07 -6.49 18.91
C VAL B 21 3.31 -6.00 19.65
N VAL B 22 4.48 -6.34 19.13
CA VAL B 22 5.81 -5.86 19.61
C VAL B 22 6.25 -4.72 18.70
N ILE B 23 6.46 -3.55 19.32
CA ILE B 23 6.88 -2.32 18.64
C ILE B 23 8.27 -1.95 19.16
N THR B 24 9.29 -2.02 18.28
CA THR B 24 10.63 -1.48 18.61
C THR B 24 10.63 0.00 18.27
N GLY B 25 11.50 0.80 18.89
CA GLY B 25 11.46 2.27 18.66
C GLY B 25 10.12 2.84 19.11
N ALA B 26 9.46 2.22 20.07
CA ALA B 26 8.06 2.59 20.43
C ALA B 26 8.00 3.99 21.04
N GLY B 27 9.12 4.55 21.52
CA GLY B 27 9.15 5.88 22.17
C GLY B 27 9.14 7.08 21.23
N ASN B 28 9.20 6.91 19.90
CA ASN B 28 9.20 8.05 18.93
C ASN B 28 7.76 8.31 18.49
N GLY B 29 7.52 9.39 17.73
CA GLY B 29 6.18 9.81 17.31
C GLY B 29 5.40 8.69 16.64
N MET B 30 5.99 8.01 15.66
CA MET B 30 5.29 6.94 14.89
C MET B 30 5.07 5.72 15.79
N GLY B 31 6.06 5.40 16.63
CA GLY B 31 5.99 4.31 17.63
C GLY B 31 4.79 4.49 18.56
N GLU B 32 4.64 5.68 19.13
CA GLU B 32 3.52 5.96 20.06
C GLU B 32 2.19 5.93 19.30
N ALA B 33 2.09 6.54 18.12
CA ALA B 33 0.85 6.53 17.30
C ALA B 33 0.49 5.08 16.96
N ALA B 34 1.48 4.27 16.59
CA ALA B 34 1.30 2.82 16.34
C ALA B 34 0.73 2.13 17.59
N ALA B 35 1.30 2.42 18.77
CA ALA B 35 0.90 1.78 20.04
C ALA B 35 -0.57 2.11 20.36
N ARG B 36 -1.01 3.36 20.11
CA ARG B 36 -2.38 3.84 20.44
C ARG B 36 -3.38 3.24 19.45
N ARG B 37 -3.02 3.20 18.17
CA ARG B 37 -3.91 2.68 17.09
C ARG B 37 -4.18 1.19 17.34
N PHE B 38 -3.11 0.40 17.52
CA PHE B 38 -3.21 -1.06 17.76
C PHE B 38 -4.00 -1.30 19.05
N SER B 39 -3.71 -0.57 20.12
CA SER B 39 -4.40 -0.68 21.44
C SER B 39 -5.89 -0.42 21.26
N ALA B 40 -6.26 0.69 20.63
CA ALA B 40 -7.65 1.07 20.30
C ALA B 40 -8.35 -0.10 19.60
N GLU B 41 -7.61 -0.92 18.85
CA GLU B 41 -8.21 -2.02 18.05
C GLU B 41 -8.05 -3.34 18.79
N GLY B 42 -7.69 -3.31 20.08
CA GLY B 42 -7.77 -4.48 20.97
C GLY B 42 -6.44 -5.22 21.12
N ALA B 43 -5.33 -4.65 20.67
CA ALA B 43 -4.03 -5.34 20.69
C ALA B 43 -3.47 -5.30 22.12
N ILE B 44 -2.73 -6.35 22.50
N ILE B 44 -2.68 -6.33 22.48
CA ILE B 44 -1.79 -6.30 23.66
CA ILE B 44 -1.75 -6.29 23.64
C ILE B 44 -0.46 -5.82 23.10
C ILE B 44 -0.41 -5.81 23.11
N VAL B 45 0.06 -4.70 23.60
N VAL B 45 0.07 -4.65 23.56
CA VAL B 45 1.19 -3.98 22.95
CA VAL B 45 1.21 -3.93 22.93
C VAL B 45 2.42 -4.02 23.84
C VAL B 45 2.44 -3.99 23.83
N VAL B 46 3.53 -4.54 23.29
CA VAL B 46 4.86 -4.42 23.91
C VAL B 46 5.52 -3.18 23.31
N LEU B 47 5.73 -2.14 24.12
CA LEU B 47 6.45 -0.91 23.73
C LEU B 47 7.92 -1.10 24.10
N ALA B 48 8.75 -1.47 23.13
CA ALA B 48 10.20 -1.71 23.31
C ALA B 48 10.98 -0.52 22.74
N ASP B 49 11.94 -0.04 23.53
N ASP B 49 11.90 0.03 23.53
CA ASP B 49 12.78 1.14 23.21
CA ASP B 49 12.85 1.09 23.07
C ASP B 49 14.03 1.13 24.10
C ASP B 49 14.01 1.13 24.06
N TRP B 50 15.09 1.80 23.65
CA TRP B 50 16.27 2.04 24.50
C TRP B 50 15.82 2.83 25.74
N ALA B 51 15.22 3.99 25.49
CA ALA B 51 14.76 4.97 26.49
C ALA B 51 13.50 4.47 27.21
N LYS B 52 13.31 4.92 28.44
CA LYS B 52 12.31 4.38 29.39
C LYS B 52 11.11 5.33 29.49
N GLU B 53 11.33 6.64 29.55
CA GLU B 53 10.30 7.65 29.95
C GLU B 53 9.11 7.57 29.01
N ALA B 54 9.33 7.82 27.71
CA ALA B 54 8.27 7.96 26.70
C ALA B 54 7.43 6.69 26.66
N VAL B 55 8.05 5.50 26.67
CA VAL B 55 7.27 4.23 26.50
C VAL B 55 6.55 3.93 27.82
N ASP B 56 7.13 4.29 28.95
CA ASP B 56 6.48 4.05 30.26
C ASP B 56 5.20 4.89 30.32
N LYS B 57 5.31 6.14 29.91
CA LYS B 57 4.18 7.10 29.89
C LYS B 57 3.10 6.60 28.92
N VAL B 58 3.46 6.21 27.71
CA VAL B 58 2.46 5.66 26.75
C VAL B 58 1.80 4.43 27.37
N ALA B 59 2.58 3.46 27.87
CA ALA B 59 2.05 2.19 28.42
C ALA B 59 1.07 2.46 29.56
N ALA B 60 1.41 3.44 30.42
CA ALA B 60 0.63 3.80 31.62
C ALA B 60 -0.69 4.45 31.17
N SER B 61 -0.72 5.04 29.97
CA SER B 61 -1.90 5.74 29.42
C SER B 61 -2.87 4.73 28.78
N LEU B 62 -2.47 3.47 28.61
CA LEU B 62 -3.29 2.48 27.88
C LEU B 62 -3.93 1.51 28.87
N PRO B 63 -4.95 0.73 28.44
CA PRO B 63 -5.68 -0.15 29.36
C PRO B 63 -4.74 -1.03 30.16
N LYS B 64 -4.93 -1.04 31.48
CA LYS B 64 -4.14 -1.87 32.43
C LYS B 64 -4.24 -3.32 31.98
N GLY B 65 -3.15 -4.06 32.13
CA GLY B 65 -3.00 -5.43 31.64
C GLY B 65 -2.91 -5.53 30.12
N ARG B 66 -2.92 -4.42 29.36
CA ARG B 66 -2.96 -4.53 27.87
C ARG B 66 -1.73 -3.89 27.21
N ALA B 67 -0.77 -3.41 28.00
CA ALA B 67 0.43 -2.69 27.51
C ALA B 67 1.58 -2.88 28.49
N MET B 68 2.77 -3.22 28.00
CA MET B 68 3.99 -3.27 28.83
C MET B 68 5.11 -2.56 28.08
N ALA B 69 5.92 -1.78 28.80
CA ALA B 69 7.14 -1.09 28.33
C ALA B 69 8.34 -1.97 28.63
N VAL B 70 9.32 -2.05 27.73
CA VAL B 70 10.55 -2.85 27.96
C VAL B 70 11.73 -2.08 27.36
N HIS B 71 12.87 -2.26 27.99
CA HIS B 71 14.19 -1.75 27.53
C HIS B 71 14.75 -2.73 26.49
N ILE B 72 15.19 -2.22 25.34
CA ILE B 72 15.94 -3.07 24.38
C ILE B 72 16.97 -2.20 23.67
N ASP B 73 18.14 -2.79 23.44
CA ASP B 73 19.11 -2.35 22.41
C ASP B 73 18.94 -3.27 21.21
N VAL B 74 18.31 -2.78 20.16
CA VAL B 74 18.00 -3.63 18.97
C VAL B 74 19.29 -3.94 18.22
N SER B 75 20.40 -3.25 18.52
CA SER B 75 21.73 -3.52 17.91
C SER B 75 22.38 -4.74 18.57
N ASP B 76 21.78 -5.26 19.65
CA ASP B 76 22.31 -6.40 20.46
C ASP B 76 21.48 -7.68 20.20
N HIS B 77 22.01 -8.61 19.41
CA HIS B 77 21.28 -9.83 18.96
C HIS B 77 20.98 -10.73 20.16
N VAL B 78 21.86 -10.77 21.18
CA VAL B 78 21.63 -11.64 22.37
C VAL B 78 20.44 -11.07 23.15
N ALA B 79 20.43 -9.77 23.38
CA ALA B 79 19.35 -9.08 24.12
C ALA B 79 18.04 -9.22 23.32
N VAL B 80 18.12 -9.05 22.01
CA VAL B 80 16.91 -9.15 21.14
C VAL B 80 16.31 -10.55 21.24
N GLU B 81 17.13 -11.56 21.07
CA GLU B 81 16.67 -12.96 21.13
C GLU B 81 15.96 -13.21 22.47
N LYS B 82 16.55 -12.79 23.58
CA LYS B 82 15.96 -12.97 24.94
C LYS B 82 14.62 -12.24 25.02
N MET B 83 14.57 -10.98 24.58
CA MET B 83 13.31 -10.18 24.59
C MET B 83 12.23 -10.98 23.88
N MET B 84 12.49 -11.47 22.66
CA MET B 84 11.44 -12.13 21.81
C MET B 84 10.94 -13.42 22.48
N ASN B 85 11.84 -14.22 23.04
CA ASN B 85 11.45 -15.47 23.73
C ASN B 85 10.67 -15.12 25.03
N GLU B 86 11.11 -14.13 25.80
CA GLU B 86 10.41 -13.74 27.07
C GLU B 86 9.01 -13.20 26.78
N VAL B 87 8.83 -12.40 25.72
CA VAL B 87 7.47 -11.90 25.33
C VAL B 87 6.60 -13.12 25.01
N ALA B 88 7.11 -14.05 24.20
CA ALA B 88 6.34 -15.25 23.79
C ALA B 88 6.03 -16.10 25.03
N GLU B 89 6.97 -16.21 25.96
CA GLU B 89 6.82 -17.03 27.19
C GLU B 89 5.69 -16.42 28.02
N LYS B 90 5.81 -15.12 28.30
CA LYS B 90 4.91 -14.40 29.23
C LYS B 90 3.53 -14.20 28.60
N LEU B 91 3.43 -13.80 27.33
CA LEU B 91 2.10 -13.49 26.71
C LEU B 91 1.61 -14.69 25.90
N GLY B 92 2.46 -15.70 25.69
CA GLY B 92 2.03 -16.92 25.00
C GLY B 92 2.09 -16.81 23.48
N ARG B 93 2.27 -15.61 22.92
CA ARG B 93 2.25 -15.44 21.44
C ARG B 93 2.95 -14.14 21.05
N ILE B 94 3.41 -14.10 19.79
CA ILE B 94 3.64 -12.82 19.06
C ILE B 94 2.89 -12.87 17.73
N ASP B 95 2.08 -11.85 17.46
CA ASP B 95 1.26 -11.79 16.23
C ASP B 95 1.84 -10.76 15.26
N VAL B 96 2.38 -9.65 15.75
CA VAL B 96 2.83 -8.52 14.87
C VAL B 96 4.15 -8.01 15.41
N LEU B 97 5.14 -7.85 14.53
CA LEU B 97 6.36 -7.06 14.81
C LEU B 97 6.33 -5.75 14.02
N LEU B 98 6.42 -4.62 14.71
CA LEU B 98 6.71 -3.31 14.09
C LEU B 98 8.17 -2.95 14.35
N ASN B 99 9.03 -3.03 13.33
CA ASN B 99 10.47 -2.66 13.46
C ASN B 99 10.59 -1.16 13.25
N ASN B 100 10.40 -0.40 14.31
CA ASN B 100 10.26 1.08 14.20
C ASN B 100 11.47 1.80 14.84
N ALA B 101 12.43 1.10 15.44
CA ALA B 101 13.67 1.74 15.96
C ALA B 101 14.36 2.45 14.79
N GLY B 102 15.07 3.55 15.07
CA GLY B 102 15.83 4.26 14.04
C GLY B 102 16.83 5.20 14.65
N VAL B 103 17.90 5.47 13.91
CA VAL B 103 18.81 6.64 14.13
C VAL B 103 19.07 7.25 12.76
N HIS B 104 19.10 8.58 12.73
CA HIS B 104 19.48 9.41 11.56
C HIS B 104 20.81 10.09 11.87
N VAL B 105 21.67 10.19 10.87
N VAL B 105 21.60 10.34 10.83
CA VAL B 105 22.88 11.06 10.87
CA VAL B 105 22.90 11.07 10.92
C VAL B 105 22.85 11.86 9.57
C VAL B 105 23.11 11.81 9.60
N ALA B 106 23.22 13.13 9.64
CA ALA B 106 23.28 13.99 8.44
C ALA B 106 24.73 14.01 7.91
N GLY B 107 24.85 13.97 6.59
CA GLY B 107 26.11 14.26 5.88
C GLY B 107 26.36 13.26 4.78
N SER B 108 27.24 13.65 3.85
CA SER B 108 27.86 12.75 2.87
C SER B 108 28.81 11.79 3.58
N VAL B 109 29.35 10.81 2.86
CA VAL B 109 30.36 9.91 3.48
C VAL B 109 31.62 10.72 3.86
N LEU B 110 31.83 11.91 3.28
CA LEU B 110 33.04 12.73 3.60
C LEU B 110 32.82 13.54 4.88
N GLU B 111 31.59 13.63 5.37
CA GLU B 111 31.21 14.48 6.52
C GLU B 111 30.83 13.59 7.69
N THR B 112 30.87 12.27 7.53
CA THR B 112 30.38 11.30 8.53
C THR B 112 31.45 10.25 8.70
N SER B 113 31.63 9.79 9.95
CA SER B 113 32.76 8.97 10.42
C SER B 113 32.41 7.50 10.27
N ILE B 114 33.41 6.64 10.44
CA ILE B 114 33.22 5.17 10.53
C ILE B 114 32.25 4.92 11.68
N ASP B 115 32.39 5.69 12.75
CA ASP B 115 31.56 5.49 13.96
C ASP B 115 30.11 5.75 13.59
N ASP B 116 29.85 6.86 12.92
CA ASP B 116 28.50 7.21 12.45
C ASP B 116 27.96 6.01 11.65
N TRP B 117 28.75 5.48 10.75
CA TRP B 117 28.27 4.34 9.92
C TRP B 117 27.90 3.20 10.86
N ARG B 118 28.76 2.90 11.84
CA ARG B 118 28.52 1.76 12.78
C ARG B 118 27.19 2.00 13.53
N ARG B 119 26.91 3.26 13.88
CA ARG B 119 25.69 3.61 14.66
C ARG B 119 24.45 3.35 13.78
N ILE B 120 24.47 3.86 12.54
CA ILE B 120 23.34 3.78 11.57
C ILE B 120 23.09 2.30 11.29
N ALA B 121 24.15 1.56 10.96
CA ALA B 121 24.08 0.13 10.57
C ALA B 121 23.57 -0.70 11.75
N GLY B 122 24.07 -0.43 12.98
CA GLY B 122 23.68 -1.21 14.16
C GLY B 122 22.20 -1.14 14.44
N VAL B 123 21.62 0.05 14.36
CA VAL B 123 20.19 0.23 14.72
C VAL B 123 19.29 0.03 13.47
N ASP B 124 19.62 0.69 12.36
CA ASP B 124 18.71 0.71 11.18
C ASP B 124 18.80 -0.59 10.38
N ILE B 125 19.91 -1.33 10.39
CA ILE B 125 19.97 -2.62 9.65
C ILE B 125 19.93 -3.75 10.67
N ASP B 126 20.89 -3.81 11.60
CA ASP B 126 21.06 -5.00 12.47
C ASP B 126 19.76 -5.14 13.27
N GLY B 127 19.16 -4.03 13.68
CA GLY B 127 17.93 -4.04 14.48
C GLY B 127 16.80 -4.76 13.75
N VAL B 128 16.66 -4.50 12.44
CA VAL B 128 15.59 -5.13 11.60
C VAL B 128 15.92 -6.60 11.40
N VAL B 129 17.18 -6.89 11.10
CA VAL B 129 17.65 -8.29 10.89
C VAL B 129 17.38 -9.08 12.19
N PHE B 130 17.86 -8.58 13.32
CA PHE B 130 17.85 -9.31 14.61
C PHE B 130 16.40 -9.49 15.08
N CYS B 131 15.60 -8.44 15.12
CA CYS B 131 14.23 -8.51 15.68
C CYS B 131 13.39 -9.41 14.77
N SER B 132 13.67 -9.42 13.46
CA SER B 132 12.86 -10.25 12.53
C SER B 132 13.28 -11.73 12.69
N LYS B 133 14.58 -11.99 12.75
CA LYS B 133 15.13 -13.37 12.93
C LYS B 133 14.48 -13.97 14.18
N PHE B 134 14.50 -13.26 15.32
CA PHE B 134 14.15 -13.85 16.64
C PHE B 134 12.63 -13.82 16.87
N ALA B 135 11.87 -12.92 16.23
CA ALA B 135 10.40 -12.95 16.31
C ALA B 135 9.85 -14.07 15.43
N LEU B 136 10.52 -14.38 14.31
CA LEU B 136 9.89 -15.21 13.23
C LEU B 136 9.35 -16.54 13.74
N PRO B 137 10.11 -17.30 14.56
CA PRO B 137 9.61 -18.60 15.03
C PRO B 137 8.27 -18.44 15.74
N HIS B 138 8.09 -17.34 16.45
CA HIS B 138 6.83 -16.99 17.15
C HIS B 138 5.78 -16.58 16.12
N LEU B 139 6.14 -15.73 15.16
CA LEU B 139 5.19 -15.30 14.10
C LEU B 139 4.74 -16.50 13.25
N LEU B 140 5.60 -17.49 13.02
CA LEU B 140 5.24 -18.67 12.21
C LEU B 140 4.12 -19.43 12.91
N LYS B 141 4.05 -19.39 14.25
CA LYS B 141 3.02 -20.15 15.00
C LYS B 141 1.65 -19.46 14.92
N THR B 142 1.62 -18.15 14.71
CA THR B 142 0.38 -17.34 14.73
C THR B 142 -0.01 -16.92 13.32
N LYS B 143 0.81 -17.25 12.34
CA LYS B 143 0.71 -16.67 10.97
C LYS B 143 0.59 -15.16 11.11
N GLY B 144 1.48 -14.58 11.91
CA GLY B 144 1.53 -13.13 12.13
C GLY B 144 2.23 -12.44 10.98
N CYS B 145 2.68 -11.21 11.20
CA CYS B 145 3.32 -10.40 10.15
C CYS B 145 4.35 -9.46 10.78
N ILE B 146 5.18 -8.89 9.90
CA ILE B 146 6.20 -7.87 10.22
C ILE B 146 5.83 -6.65 9.41
N VAL B 147 5.95 -5.49 10.02
CA VAL B 147 5.94 -4.19 9.30
C VAL B 147 7.22 -3.48 9.70
N ASN B 148 8.13 -3.30 8.74
CA ASN B 148 9.37 -2.51 8.90
C ASN B 148 9.03 -1.05 8.71
N THR B 149 9.58 -0.19 9.57
CA THR B 149 9.66 1.26 9.30
C THR B 149 10.92 1.50 8.49
N ALA B 150 10.77 1.63 7.18
CA ALA B 150 11.86 2.02 6.26
C ALA B 150 11.77 3.54 6.10
N SER B 151 11.61 4.04 4.89
CA SER B 151 11.70 5.48 4.58
C SER B 151 11.71 5.64 3.07
N VAL B 152 11.24 6.77 2.57
CA VAL B 152 11.51 7.15 1.17
C VAL B 152 13.03 7.11 0.97
N SER B 153 13.82 7.39 2.02
CA SER B 153 15.30 7.38 1.99
C SER B 153 15.85 5.96 1.81
N GLY B 154 14.97 4.95 1.82
CA GLY B 154 15.34 3.57 1.41
C GLY B 154 14.89 3.25 0.00
N LEU B 155 14.00 4.07 -0.59
CA LEU B 155 13.48 3.85 -1.97
C LEU B 155 14.32 4.65 -2.96
N GLY B 156 15.01 5.68 -2.48
CA GLY B 156 15.82 6.54 -3.35
C GLY B 156 16.84 7.25 -2.51
N GLY B 157 17.77 7.96 -3.14
CA GLY B 157 18.77 8.71 -2.36
C GLY B 157 18.25 10.07 -1.89
N ASP B 158 19.00 10.60 -0.95
CA ASP B 158 18.95 12.01 -0.48
C ASP B 158 20.35 12.61 -0.68
N TRP B 159 20.40 13.93 -0.83
CA TRP B 159 21.60 14.76 -0.57
C TRP B 159 21.88 14.83 0.92
N GLY B 160 23.11 14.49 1.30
CA GLY B 160 23.61 14.60 2.68
C GLY B 160 22.97 13.61 3.67
N ALA B 161 22.77 12.34 3.30
CA ALA B 161 22.36 11.28 4.26
C ALA B 161 22.84 9.92 3.73
N ALA B 162 24.14 9.78 3.42
CA ALA B 162 24.65 8.64 2.62
C ALA B 162 24.42 7.33 3.40
N TYR B 163 24.91 7.28 4.64
CA TYR B 163 24.84 6.09 5.50
C TYR B 163 23.38 5.76 5.73
N TYR B 164 22.57 6.78 5.98
CA TYR B 164 21.15 6.57 6.30
C TYR B 164 20.47 5.90 5.10
N CYS B 165 20.76 6.40 3.90
CA CYS B 165 20.19 5.88 2.64
C CYS B 165 20.64 4.44 2.38
N ALA B 166 21.89 4.10 2.65
CA ALA B 166 22.41 2.72 2.54
C ALA B 166 21.60 1.82 3.45
N ALA B 167 21.43 2.21 4.70
CA ALA B 167 20.78 1.38 5.74
C ALA B 167 19.31 1.19 5.39
N LYS B 168 18.58 2.25 5.07
CA LYS B 168 17.14 2.09 4.75
C LYS B 168 17.00 1.34 3.42
N GLY B 169 17.95 1.49 2.48
CA GLY B 169 17.98 0.67 1.27
C GLY B 169 18.14 -0.81 1.61
N ALA B 170 18.94 -1.11 2.64
CA ALA B 170 19.05 -2.50 3.15
C ALA B 170 17.69 -2.96 3.70
N VAL B 171 16.98 -2.09 4.41
CA VAL B 171 15.67 -2.47 5.04
C VAL B 171 14.63 -2.75 3.94
N VAL B 172 14.59 -1.92 2.93
CA VAL B 172 13.62 -2.05 1.81
C VAL B 172 13.82 -3.41 1.11
N ASN B 173 15.06 -3.83 0.84
CA ASN B 173 15.31 -5.06 0.06
C ASN B 173 15.23 -6.28 0.97
N LEU B 174 15.62 -6.15 2.24
CA LEU B 174 15.46 -7.24 3.23
C LEU B 174 13.96 -7.53 3.40
N THR B 175 13.12 -6.49 3.37
CA THR B 175 11.66 -6.65 3.42
C THR B 175 11.22 -7.58 2.27
N ARG B 176 11.71 -7.33 1.06
CA ARG B 176 11.35 -8.12 -0.14
C ARG B 176 11.83 -9.57 0.07
N ALA B 177 13.07 -9.74 0.50
CA ALA B 177 13.71 -11.07 0.55
C ALA B 177 12.99 -11.93 1.61
N MET B 178 12.77 -11.37 2.77
CA MET B 178 12.12 -12.08 3.89
C MET B 178 10.69 -12.42 3.50
N ALA B 179 9.99 -11.53 2.80
CA ALA B 179 8.61 -11.73 2.33
C ALA B 179 8.54 -12.97 1.42
N LEU B 180 9.57 -13.16 0.59
CA LEU B 180 9.67 -14.32 -0.31
C LEU B 180 9.95 -15.56 0.54
N ASP B 181 10.82 -15.45 1.54
CA ASP B 181 11.28 -16.60 2.37
C ASP B 181 10.13 -17.12 3.23
N HIS B 182 9.25 -16.26 3.72
CA HIS B 182 8.31 -16.60 4.82
C HIS B 182 6.84 -16.49 4.44
N GLY B 183 6.50 -15.72 3.40
CA GLY B 183 5.09 -15.47 3.04
C GLY B 183 4.35 -16.77 2.75
N GLY B 184 5.02 -17.76 2.19
CA GLY B 184 4.37 -19.06 1.91
C GLY B 184 4.08 -19.83 3.20
N ASP B 185 4.73 -19.49 4.31
CA ASP B 185 4.51 -20.14 5.63
C ASP B 185 3.53 -19.27 6.42
N GLY B 186 2.90 -18.28 5.77
CA GLY B 186 1.79 -17.51 6.35
C GLY B 186 2.25 -16.31 7.16
N VAL B 187 3.51 -15.89 7.01
CA VAL B 187 4.01 -14.64 7.65
C VAL B 187 4.31 -13.59 6.56
N ARG B 188 3.45 -12.59 6.43
CA ARG B 188 3.61 -11.50 5.45
C ARG B 188 4.63 -10.50 6.01
N ILE B 189 5.47 -9.93 5.15
CA ILE B 189 6.50 -8.94 5.55
C ILE B 189 6.43 -7.77 4.57
N ASN B 190 6.16 -6.59 5.13
CA ASN B 190 5.93 -5.34 4.36
C ASN B 190 6.68 -4.24 5.11
N SER B 191 6.79 -3.05 4.52
CA SER B 191 7.32 -1.83 5.16
C SER B 191 6.39 -0.67 4.81
N VAL B 192 6.48 0.36 5.62
CA VAL B 192 6.01 1.73 5.32
C VAL B 192 7.26 2.57 5.09
N CYS B 193 7.17 3.45 4.11
CA CYS B 193 8.29 4.29 3.65
C CYS B 193 7.84 5.73 3.76
N PRO B 194 7.86 6.33 4.97
CA PRO B 194 7.40 7.71 5.12
C PRO B 194 8.45 8.68 4.59
N SER B 195 7.99 9.85 4.20
CA SER B 195 8.80 11.05 3.99
C SER B 195 8.80 11.87 5.29
N LEU B 196 8.66 13.20 5.21
CA LEU B 196 8.63 14.12 6.39
C LEU B 196 7.42 13.76 7.26
N VAL B 197 7.69 13.51 8.54
CA VAL B 197 6.66 13.26 9.58
C VAL B 197 6.78 14.35 10.64
N LYS B 198 5.66 14.97 11.01
CA LYS B 198 5.63 15.99 12.09
C LYS B 198 6.06 15.37 13.40
N THR B 199 7.20 15.84 13.90
CA THR B 199 7.68 15.64 15.30
C THR B 199 8.10 17.02 15.82
N ASN B 200 8.69 17.11 17.02
CA ASN B 200 9.22 18.40 17.54
C ASN B 200 10.57 18.72 16.86
N MET B 201 11.37 17.68 16.56
CA MET B 201 12.56 17.80 15.67
C MET B 201 12.16 18.68 14.48
N THR B 202 11.10 18.31 13.75
CA THR B 202 10.72 18.89 12.44
C THR B 202 9.85 20.15 12.62
N ASN B 203 8.98 20.18 13.64
CA ASN B 203 8.18 21.39 13.99
C ASN B 203 9.14 22.57 14.20
N GLY B 204 10.32 22.33 14.80
CA GLY B 204 11.34 23.35 15.08
C GLY B 204 12.13 23.80 13.84
N TRP B 205 12.18 23.00 12.77
CA TRP B 205 12.97 23.33 11.55
C TRP B 205 12.64 24.72 11.04
N PRO B 206 13.65 25.46 10.51
CA PRO B 206 13.40 26.69 9.77
C PRO B 206 12.26 26.54 8.76
N GLN B 207 11.50 27.61 8.58
CA GLN B 207 10.36 27.66 7.64
C GLN B 207 10.87 27.41 6.21
N GLU B 208 12.07 27.90 5.87
CA GLU B 208 12.64 27.77 4.50
C GLU B 208 12.71 26.28 4.15
N ILE B 209 13.15 25.44 5.10
CA ILE B 209 13.32 23.97 4.93
C ILE B 209 11.94 23.29 4.83
N ARG B 210 11.00 23.62 5.71
CA ARG B 210 9.64 23.01 5.70
C ARG B 210 8.94 23.39 4.38
N ASP B 211 9.21 24.58 3.84
CA ASP B 211 8.62 25.04 2.56
C ASP B 211 9.13 24.16 1.41
N LYS B 212 10.41 23.78 1.45
CA LYS B 212 11.04 22.97 0.38
C LYS B 212 10.43 21.57 0.39
N PHE B 213 10.11 21.03 1.56
CA PHE B 213 9.40 19.73 1.71
C PHE B 213 7.97 19.85 1.18
N ASN B 214 7.28 20.94 1.51
CA ASN B 214 5.87 21.15 1.10
C ASN B 214 5.81 21.34 -0.42
N GLU B 215 6.90 21.80 -1.03
CA GLU B 215 6.95 21.93 -2.50
C GLU B 215 7.14 20.54 -3.12
N ARG B 216 8.02 19.70 -2.56
CA ARG B 216 8.37 18.40 -3.21
C ARG B 216 7.26 17.38 -2.96
N ILE B 217 6.52 17.53 -1.86
CA ILE B 217 5.40 16.64 -1.46
C ILE B 217 4.11 17.24 -2.02
N ALA B 218 3.43 16.52 -2.93
CA ALA B 218 2.23 17.02 -3.63
C ALA B 218 1.14 17.41 -2.62
N LEU B 219 0.94 16.64 -1.55
CA LEU B 219 -0.12 16.97 -0.57
C LEU B 219 0.19 18.31 0.11
N GLY B 220 1.44 18.77 0.04
CA GLY B 220 1.81 20.13 0.46
C GLY B 220 1.91 20.26 1.95
N ARG B 221 2.22 19.16 2.65
CA ARG B 221 2.37 19.16 4.13
C ARG B 221 3.18 17.94 4.54
N ALA B 222 3.62 17.92 5.78
CA ALA B 222 4.21 16.74 6.45
C ALA B 222 3.09 15.80 6.91
N ALA B 223 3.40 14.52 7.09
CA ALA B 223 2.45 13.51 7.59
C ALA B 223 2.33 13.72 9.09
N GLU B 224 1.13 13.54 9.63
CA GLU B 224 0.96 13.27 11.07
C GLU B 224 1.45 11.85 11.31
N PRO B 225 2.07 11.56 12.46
CA PRO B 225 2.46 10.20 12.83
C PRO B 225 1.33 9.16 12.74
N GLU B 226 0.11 9.57 13.06
CA GLU B 226 -1.13 8.77 12.99
C GLU B 226 -1.34 8.28 11.54
N GLU B 227 -0.99 9.12 10.55
CA GLU B 227 -1.23 8.80 9.12
C GLU B 227 -0.32 7.64 8.68
N VAL B 228 0.81 7.47 9.35
CA VAL B 228 1.80 6.39 9.11
C VAL B 228 1.36 5.17 9.90
N ALA B 229 0.95 5.38 11.15
CA ALA B 229 0.47 4.28 12.03
C ALA B 229 -0.73 3.59 11.37
N ALA B 230 -1.61 4.35 10.73
CA ALA B 230 -2.80 3.83 10.02
C ALA B 230 -2.38 2.81 8.96
N VAL B 231 -1.31 3.12 8.22
CA VAL B 231 -0.82 2.24 7.12
C VAL B 231 -0.22 0.98 7.76
N MET B 232 0.48 1.12 8.89
CA MET B 232 1.07 -0.02 9.63
C MET B 232 -0.03 -0.98 10.06
N ALA B 233 -1.13 -0.42 10.60
CA ALA B 233 -2.29 -1.18 11.07
C ALA B 233 -2.96 -1.87 9.89
N PHE B 234 -3.14 -1.16 8.76
CA PHE B 234 -3.72 -1.80 7.55
C PHE B 234 -2.85 -3.02 7.18
N LEU B 235 -1.53 -2.84 7.13
CA LEU B 235 -0.62 -3.85 6.56
C LEU B 235 -0.61 -5.09 7.48
N ALA B 236 -0.92 -4.90 8.76
CA ALA B 236 -1.01 -6.03 9.73
C ALA B 236 -2.41 -6.63 9.70
N SER B 237 -3.35 -6.00 9.03
CA SER B 237 -4.78 -6.41 9.08
C SER B 237 -5.05 -7.50 8.03
N ASP B 238 -6.20 -8.16 8.14
CA ASP B 238 -6.62 -9.24 7.21
C ASP B 238 -6.89 -8.66 5.83
N ASP B 239 -7.23 -7.36 5.76
CA ASP B 239 -7.54 -6.67 4.47
C ASP B 239 -6.28 -6.69 3.59
N ALA B 240 -5.11 -6.75 4.23
CA ALA B 240 -3.80 -6.82 3.54
C ALA B 240 -3.37 -8.28 3.34
N SER B 241 -4.28 -9.25 3.34
CA SER B 241 -3.97 -10.71 3.20
C SER B 241 -3.11 -10.98 1.94
N PHE B 242 -3.24 -10.18 0.88
CA PHE B 242 -2.49 -10.47 -0.38
C PHE B 242 -1.38 -9.46 -0.66
N ILE B 243 -1.07 -8.65 0.35
CA ILE B 243 0.07 -7.71 0.26
C ILE B 243 1.27 -8.29 1.00
N ASN B 244 2.35 -8.55 0.26
CA ASN B 244 3.53 -9.25 0.80
C ASN B 244 4.78 -8.75 0.04
N GLY B 245 5.81 -8.36 0.76
CA GLY B 245 7.08 -7.88 0.17
C GLY B 245 6.97 -6.46 -0.35
N ALA B 246 5.93 -5.75 0.05
CA ALA B 246 5.63 -4.38 -0.44
C ALA B 246 6.31 -3.35 0.46
N ASN B 247 6.81 -2.27 -0.16
CA ASN B 247 7.41 -1.09 0.51
C ASN B 247 6.48 0.10 0.23
N ILE B 248 5.51 0.35 1.10
CA ILE B 248 4.40 1.31 0.83
C ILE B 248 4.91 2.72 1.11
N PRO B 249 4.98 3.56 0.08
CA PRO B 249 5.28 4.98 0.23
C PRO B 249 4.11 5.64 0.96
N VAL B 250 4.44 6.32 2.05
CA VAL B 250 3.46 7.08 2.87
C VAL B 250 4.04 8.50 2.87
N ASP B 251 3.96 9.16 1.72
CA ASP B 251 4.89 10.27 1.41
C ASP B 251 4.18 11.41 0.66
N GLY B 252 2.84 11.34 0.56
CA GLY B 252 2.00 12.35 -0.12
C GLY B 252 2.42 12.57 -1.57
N GLY B 253 3.15 11.64 -2.17
CA GLY B 253 3.55 11.74 -3.58
C GLY B 253 5.04 11.93 -3.78
N ALA B 254 5.85 12.06 -2.72
CA ALA B 254 7.28 12.40 -2.84
C ALA B 254 7.99 11.52 -3.90
N THR B 255 7.92 10.20 -3.73
CA THR B 255 8.61 9.20 -4.59
C THR B 255 7.87 9.01 -5.91
N ALA B 256 6.69 9.60 -6.11
CA ALA B 256 5.95 9.51 -7.39
C ALA B 256 6.62 10.42 -8.45
N SER B 257 7.45 11.38 -8.06
CA SER B 257 8.21 12.27 -8.96
C SER B 257 9.46 11.57 -9.50
N ASP B 258 9.77 11.85 -10.76
CA ASP B 258 11.02 11.47 -11.45
C ASP B 258 12.18 12.39 -10.99
N GLY B 259 11.96 13.31 -10.04
CA GLY B 259 13.02 14.20 -9.53
C GLY B 259 13.04 15.56 -10.23
N GLN B 260 12.40 15.68 -11.39
CA GLN B 260 12.34 16.99 -12.09
C GLN B 260 11.60 17.98 -11.20
N PRO B 261 12.00 19.28 -11.33
CA PRO B 261 11.41 20.33 -10.51
C PRO B 261 9.92 20.53 -10.82
N LYS B 262 9.17 21.01 -9.84
CA LYS B 262 7.80 21.50 -10.10
C LYS B 262 7.95 22.90 -10.73
N ILE B 263 7.51 23.06 -11.96
CA ILE B 263 7.42 24.38 -12.65
C ILE B 263 5.94 24.74 -12.76
N VAL B 264 5.44 25.63 -11.89
CA VAL B 264 4.01 26.07 -11.84
C VAL B 264 3.13 24.82 -11.70
PA NAD C . -13.38 -9.42 -15.22
O1A NAD C . -13.45 -9.94 -16.63
O2A NAD C . -13.89 -10.22 -14.06
O5B NAD C . -14.03 -7.95 -15.08
C5B NAD C . -13.69 -6.91 -15.97
C4B NAD C . -14.94 -6.12 -16.22
O4B NAD C . -14.63 -4.94 -17.02
C3B NAD C . -16.02 -6.92 -16.98
O3B NAD C . -17.25 -6.84 -16.29
C2B NAD C . -16.07 -6.24 -18.34
O2B NAD C . -17.34 -6.33 -18.99
C1B NAD C . -15.67 -4.82 -17.97
N9A NAD C . -15.17 -4.05 -19.09
C8A NAD C . -14.19 -4.40 -19.99
N7A NAD C . -14.01 -3.52 -20.93
C5A NAD C . -14.96 -2.54 -20.65
C6A NAD C . -15.29 -1.33 -21.30
N6A NAD C . -14.70 -0.93 -22.43
N1A NAD C . -16.30 -0.59 -20.78
C2A NAD C . -16.91 -1.03 -19.66
N3A NAD C . -16.68 -2.15 -18.96
C4A NAD C . -15.68 -2.86 -19.52
O3 NAD C . -11.83 -9.15 -15.03
PN NAD C . -11.01 -8.61 -13.75
O1N NAD C . -11.92 -8.30 -12.58
O2N NAD C . -9.85 -9.54 -13.55
O5D NAD C . -10.50 -7.26 -14.41
C5D NAD C . -10.56 -6.03 -13.64
C4D NAD C . -9.29 -5.24 -13.82
O4D NAD C . -8.22 -6.00 -13.18
C3D NAD C . -8.82 -4.97 -15.26
O3D NAD C . -8.36 -3.65 -15.51
C2D NAD C . -7.68 -5.97 -15.41
O2D NAD C . -6.75 -5.60 -16.40
C1D NAD C . -7.13 -5.92 -14.01
N1N NAD C . -6.26 -7.07 -13.65
C2N NAD C . -6.70 -8.39 -13.77
C3N NAD C . -5.89 -9.42 -13.25
C7N NAD C . -6.36 -10.87 -13.06
O7N NAD C . -5.53 -11.73 -12.76
N7N NAD C . -7.66 -11.12 -13.20
C4N NAD C . -4.56 -9.09 -12.83
C5N NAD C . -4.14 -7.78 -12.83
C6N NAD C . -5.03 -6.77 -13.14
PA NAD D . -18.21 -14.33 -23.12
O1A NAD D . -19.28 -15.27 -23.59
O2A NAD D . -16.89 -14.35 -23.81
O5B NAD D . -18.01 -14.51 -21.54
C5B NAD D . -17.23 -13.54 -20.79
C4B NAD D . -16.56 -14.23 -19.61
O4B NAD D . -17.58 -14.74 -18.72
C3B NAD D . -15.67 -15.43 -19.95
O3B NAD D . -14.51 -15.41 -19.13
C2B NAD D . -16.57 -16.63 -19.62
O2B NAD D . -15.83 -17.82 -19.40
C1B NAD D . -17.27 -16.07 -18.38
N9A NAD D . -18.53 -16.71 -18.00
C8A NAD D . -19.25 -17.65 -18.69
N7A NAD D . -20.36 -18.00 -18.10
C5A NAD D . -20.39 -17.22 -16.94
C6A NAD D . -21.32 -17.12 -15.90
N6A NAD D . -22.45 -17.83 -15.85
N1A NAD D . -21.05 -16.24 -14.90
C2A NAD D . -19.92 -15.52 -14.96
N3A NAD D . -18.98 -15.53 -15.90
C4A NAD D . -19.28 -16.41 -16.88
O3 NAD D . -18.78 -12.84 -23.19
PN NAD D . -18.56 -11.58 -24.16
O1N NAD D . -17.43 -10.75 -23.65
O2N NAD D . -18.56 -12.01 -25.60
O5D NAD D . -19.95 -10.87 -23.82
C5D NAD D . -20.34 -10.88 -22.43
C4D NAD D . -20.90 -9.54 -22.07
O4D NAD D . -19.90 -8.54 -22.35
C3D NAD D . -22.15 -9.14 -22.90
O3D NAD D . -23.10 -8.49 -22.07
C2D NAD D . -21.56 -8.21 -23.96
O2D NAD D . -22.50 -7.27 -24.42
C1D NAD D . -20.44 -7.53 -23.19
N1N NAD D . -19.38 -6.99 -24.09
C2N NAD D . -19.51 -5.73 -24.59
C3N NAD D . -18.83 -5.38 -25.75
C7N NAD D . -19.38 -4.24 -26.57
O7N NAD D . -20.46 -3.73 -26.26
N7N NAD D . -18.67 -3.83 -27.61
C4N NAD D . -17.69 -6.11 -26.07
C5N NAD D . -17.34 -7.18 -25.29
C6N NAD D . -18.30 -7.73 -24.47
C4 HBR E . -2.64 -11.53 -14.22
C3 HBR E . -2.04 -10.31 -14.88
O7 HBR E . -1.17 -10.68 -15.94
C2 HBR E . -3.17 -9.44 -15.40
C1 HBR E . -4.29 -10.09 -16.12
O2 HBR E . -3.12 -8.25 -15.21
C4 HBS F . -2.72 -11.66 -14.23
C3 HBS F . -2.07 -10.36 -14.59
O7 HBS F . -1.57 -9.72 -13.41
C2 HBS F . -3.09 -9.49 -15.32
C1 HBS F . -4.16 -10.16 -16.11
O2 HBS F . -3.03 -8.30 -15.20
PB ADP G . 13.09 10.66 17.17
O1B ADP G . 13.51 11.33 15.88
O2B ADP G . 14.02 10.96 18.33
O3B ADP G . 11.63 10.87 17.49
PA ADP G . 14.48 8.39 16.15
O1A ADP G . 14.11 8.16 14.73
O2A ADP G . 15.72 9.16 16.50
O3A ADP G . 13.26 9.10 16.88
O5' ADP G . 14.51 7.00 16.91
C5' ADP G . 13.34 6.19 16.88
C4' ADP G . 13.32 5.36 18.13
O4' ADP G . 14.40 4.38 18.05
C3' ADP G . 13.53 6.15 19.44
O3' ADP G . 12.49 5.94 20.39
C2' ADP G . 14.90 5.65 19.91
O2' ADP G . 15.06 5.69 21.32
C1' ADP G . 14.88 4.22 19.35
N9 ADP G . 16.19 3.59 19.34
C8 ADP G . 17.35 4.14 18.90
N7 ADP G . 18.39 3.35 19.09
C5 ADP G . 17.87 2.21 19.67
C6 ADP G . 18.46 1.00 20.09
N6 ADP G . 19.76 0.72 19.98
N1 ADP G . 17.63 0.06 20.61
C2 ADP G . 16.33 0.33 20.72
N3 ADP G . 15.67 1.43 20.38
C4 ADP G . 16.51 2.35 19.84
#